data_8JN8
#
_entry.id   8JN8
#
_cell.length_a   51.189
_cell.length_b   82.910
_cell.length_c   106.623
_cell.angle_alpha   90.00
_cell.angle_beta   90.00
_cell.angle_gamma   90.00
#
_symmetry.space_group_name_H-M   'P 21 21 21'
#
loop_
_entity.id
_entity.type
_entity.pdbx_description
1 polymer 'Proto-oncogene tyrosine-protein kinase Src'
2 non-polymer (2R)-N-cyclopentyl-2-[cyclopropyl(ethanoyl)amino]-2-(4-fluorophenyl)ethanamide
3 water water
#
_entity_poly.entity_id   1
_entity_poly.type   'polypeptide(L)'
_entity_poly.pdbx_seq_one_letter_code
;MGSNKSKPKDASQRRRSLEPAENVHGAGGGAFPASQTPSKPASADGHRGPSAAFAPAAAEPKLFGGFNSSDTVTSPQRAG
PLAGGVTTFVALYDYESRTETDLSFKKGERLQIVNNTEGDWWLAHSLSTGQTGYIPSNYVAPSDSIQAEEWYFGKITRRE
SERLLLNAENPRGTFLVRESETTKGAYCLSVSDFDNAKGLNVKHYKIRKLDSGGFYITSRTQFNSLQQLVAYYSKHADGL
CHRLTTVCPTSKPQTQGLAKDAWEIPRESLRLEVKLGQGCFGEVWMGTWNGTTRVAIKTLKPGTMSPEAFLQEAQVMKKL
RHEKLVQLYAVVSEEPIYIVTEYMSKGSLLDFLKGETGKYLRLPQLVDMAAQIASGMAYVERMNYVHRDLRAANILVGEN
LVCKVADFGLARLIEDNEYTARQGAKFPIKWTAPEAALYGRFTIKSDVWSFGILLTELTTKGRVPYPGMVNREVLDQVER
GYRMPCPPECPESLHDLMCQCWRKEPEERPTFEYLQAFLEDYFTSTEPQ(PTR)QPGENL
;
_entity_poly.pdbx_strand_id   A
#
loop_
_chem_comp.id
_chem_comp.type
_chem_comp.name
_chem_comp.formula
JA6 non-polymer (2R)-N-cyclopentyl-2-[cyclopropyl(ethanoyl)amino]-2-(4-fluorophenyl)ethanamide 'C18 H23 F N2 O2'
#
# COMPACT_ATOMS: atom_id res chain seq x y z
N VAL A 86 26.76 -19.81 -5.70
CA VAL A 86 27.02 -18.57 -4.98
C VAL A 86 27.24 -17.39 -5.91
N THR A 87 26.34 -16.41 -5.82
CA THR A 87 26.50 -15.14 -6.51
C THR A 87 26.85 -14.05 -5.52
N THR A 88 27.54 -13.02 -5.99
CA THR A 88 27.76 -11.84 -5.17
C THR A 88 26.56 -10.93 -5.35
N PHE A 89 25.99 -10.51 -4.22
CA PHE A 89 24.88 -9.57 -4.16
C PHE A 89 25.36 -8.27 -3.57
N VAL A 90 24.69 -7.18 -3.93
CA VAL A 90 24.98 -5.88 -3.35
C VAL A 90 23.77 -5.44 -2.52
N ALA A 91 24.04 -4.82 -1.37
CA ALA A 91 23.00 -4.25 -0.53
C ALA A 91 22.42 -3.01 -1.20
N LEU A 92 21.10 -3.01 -1.42
CA LEU A 92 20.43 -1.85 -1.97
C LEU A 92 20.15 -0.74 -0.95
N TYR A 93 20.16 -1.06 0.34
CA TYR A 93 19.82 -0.15 1.42
C TYR A 93 20.63 -0.53 2.64
N ASP A 94 20.75 0.40 3.59
CA ASP A 94 21.23 0.09 4.91
C ASP A 94 20.25 -0.83 5.65
N TYR A 95 20.78 -1.73 6.47
CA TYR A 95 19.97 -2.59 7.32
C TYR A 95 20.68 -2.77 8.65
N GLU A 96 20.04 -2.33 9.74
CA GLU A 96 20.61 -2.43 11.08
C GLU A 96 20.19 -3.75 11.71
N SER A 97 21.18 -4.58 12.04
CA SER A 97 20.94 -5.93 12.57
C SER A 97 20.30 -5.82 13.94
N ARG A 98 19.01 -6.06 13.97
CA ARG A 98 18.30 -6.20 15.23
C ARG A 98 18.93 -7.36 16.02
N THR A 99 18.80 -8.58 15.49
CA THR A 99 18.98 -9.80 16.26
C THR A 99 20.38 -10.38 16.15
N GLU A 100 20.56 -11.58 16.72
CA GLU A 100 21.84 -12.25 16.81
C GLU A 100 22.19 -12.97 15.52
N THR A 101 21.20 -13.59 14.89
CA THR A 101 21.42 -14.39 13.70
C THR A 101 21.29 -13.61 12.39
N ASP A 102 20.80 -12.39 12.41
CA ASP A 102 20.77 -11.64 11.17
C ASP A 102 22.00 -10.73 11.08
N LEU A 103 22.20 -10.19 9.89
CA LEU A 103 23.42 -9.49 9.54
C LEU A 103 23.10 -8.02 9.37
N SER A 104 23.85 -7.16 10.07
CA SER A 104 23.85 -5.74 9.78
C SER A 104 24.67 -5.46 8.53
N PHE A 105 24.19 -4.56 7.68
CA PHE A 105 25.00 -4.12 6.55
C PHE A 105 24.60 -2.72 6.16
N LYS A 106 25.55 -2.01 5.54
CA LYS A 106 25.33 -0.72 4.92
C LYS A 106 25.11 -0.93 3.42
N LYS A 107 24.42 0.04 2.81
CA LYS A 107 24.25 0.01 1.36
C LYS A 107 25.60 -0.09 0.67
N GLY A 108 25.62 -0.78 -0.48
CA GLY A 108 26.83 -1.00 -1.24
C GLY A 108 27.70 -2.15 -0.76
N GLU A 109 27.39 -2.75 0.38
CA GLU A 109 28.14 -3.91 0.86
C GLU A 109 28.00 -5.07 -0.12
N ARG A 110 29.04 -5.91 -0.15
CA ARG A 110 29.07 -7.09 -1.01
C ARG A 110 28.84 -8.34 -0.14
N LEU A 111 27.81 -9.11 -0.49
CA LEU A 111 27.35 -10.24 0.33
C LEU A 111 27.30 -11.50 -0.53
N GLN A 112 27.88 -12.58 0.00
CA GLN A 112 27.83 -13.88 -0.63
C GLN A 112 26.57 -14.61 -0.21
N ILE A 113 25.78 -15.10 -1.19
CA ILE A 113 24.52 -15.79 -0.93
C ILE A 113 24.34 -16.95 -1.92
N VAL A 114 23.71 -18.00 -1.54
CA VAL A 114 23.59 -19.13 -2.41
C VAL A 114 22.71 -19.02 -3.69
N ASN A 115 22.86 -20.00 -4.62
CA ASN A 115 22.20 -20.17 -5.92
C ASN A 115 20.74 -19.99 -5.89
N ASN A 116 20.02 -20.99 -5.45
CA ASN A 116 18.57 -20.96 -5.57
C ASN A 116 17.79 -20.35 -4.50
N THR A 117 18.50 -19.93 -3.47
CA THR A 117 17.77 -19.72 -2.21
C THR A 117 16.47 -18.93 -2.41
N GLU A 118 15.43 -19.38 -1.72
CA GLU A 118 14.08 -18.83 -1.80
C GLU A 118 13.64 -18.34 -0.42
N GLY A 119 12.60 -17.51 -0.40
CA GLY A 119 12.02 -17.02 0.83
C GLY A 119 12.37 -15.57 1.12
N ASP A 120 11.99 -15.13 2.33
CA ASP A 120 12.14 -13.73 2.70
C ASP A 120 13.46 -13.41 3.38
N TRP A 121 14.17 -14.42 3.87
CA TRP A 121 15.39 -14.18 4.62
C TRP A 121 16.45 -15.14 4.10
N TRP A 122 17.58 -14.59 3.64
CA TRP A 122 18.64 -15.39 3.06
C TRP A 122 19.87 -15.37 3.97
N LEU A 123 20.55 -16.50 4.06
CA LEU A 123 21.82 -16.54 4.75
C LEU A 123 22.89 -15.88 3.90
N ALA A 124 23.59 -14.89 4.47
CA ALA A 124 24.62 -14.17 3.72
C ALA A 124 25.93 -14.13 4.49
N HIS A 125 27.02 -14.00 3.75
CA HIS A 125 28.33 -13.70 4.30
C HIS A 125 28.86 -12.44 3.63
N SER A 126 29.09 -11.44 4.42
CA SER A 126 29.61 -10.25 3.90
C SER A 126 31.10 -10.21 3.70
N LEU A 127 31.51 -10.08 2.47
CA LEU A 127 32.90 -9.80 2.18
C LEU A 127 33.38 -8.43 2.75
N SER A 128 32.49 -7.47 2.82
CA SER A 128 32.82 -6.18 3.24
C SER A 128 33.17 -6.11 4.70
N THR A 129 32.52 -6.90 5.50
CA THR A 129 32.75 -6.88 6.89
C THR A 129 33.23 -8.20 7.51
N GLY A 130 33.23 -9.25 6.73
CA GLY A 130 33.42 -10.60 7.23
C GLY A 130 32.35 -11.10 8.17
N GLN A 131 31.25 -10.36 8.36
CA GLN A 131 30.21 -10.74 9.30
C GLN A 131 29.15 -11.61 8.60
N THR A 132 28.37 -12.32 9.42
CA THR A 132 27.50 -13.39 8.96
C THR A 132 26.10 -13.26 9.52
N GLY A 133 25.11 -13.66 8.74
CA GLY A 133 23.75 -13.72 9.25
C GLY A 133 22.72 -13.60 8.16
N TYR A 134 21.47 -13.72 8.57
CA TYR A 134 20.36 -13.64 7.64
C TYR A 134 20.09 -12.20 7.23
N ILE A 135 19.62 -12.04 6.00
CA ILE A 135 19.33 -10.72 5.44
C ILE A 135 17.94 -10.75 4.81
N PRO A 136 17.24 -9.63 4.78
CA PRO A 136 15.94 -9.60 4.08
C PRO A 136 16.20 -9.56 2.59
N SER A 137 15.60 -10.51 1.86
CA SER A 137 15.96 -10.69 0.46
C SER A 137 15.61 -9.48 -0.40
N ASN A 138 14.67 -8.63 0.00
CA ASN A 138 14.32 -7.49 -0.84
C ASN A 138 15.31 -6.33 -0.67
N TYR A 139 16.34 -6.50 0.16
CA TYR A 139 17.35 -5.48 0.35
C TYR A 139 18.59 -5.71 -0.51
N VAL A 140 18.61 -6.74 -1.35
CA VAL A 140 19.79 -7.08 -2.15
C VAL A 140 19.40 -7.30 -3.60
N ALA A 141 20.41 -7.23 -4.46
CA ALA A 141 20.29 -7.65 -5.86
C ALA A 141 21.65 -8.14 -6.31
N PRO A 142 21.70 -8.96 -7.36
CA PRO A 142 22.99 -9.47 -7.82
C PRO A 142 23.88 -8.33 -8.30
N SER A 143 25.16 -8.38 -7.92
CA SER A 143 26.10 -7.38 -8.41
C SER A 143 26.04 -7.29 -9.92
N ASP A 144 26.27 -6.08 -10.43
CA ASP A 144 26.36 -5.84 -11.88
C ASP A 144 25.11 -6.29 -12.63
N SER A 145 23.96 -6.30 -11.98
CA SER A 145 22.69 -6.46 -12.68
C SER A 145 22.01 -5.10 -12.79
N ILE A 146 21.00 -5.02 -13.65
CA ILE A 146 20.22 -3.80 -13.69
C ILE A 146 19.45 -3.64 -12.37
N GLN A 147 19.14 -4.74 -11.68
CA GLN A 147 18.42 -4.67 -10.42
C GLN A 147 19.24 -4.01 -9.32
N ALA A 148 20.57 -3.94 -9.49
CA ALA A 148 21.39 -3.25 -8.51
C ALA A 148 21.46 -1.74 -8.75
N GLU A 149 20.97 -1.28 -9.90
CA GLU A 149 21.05 0.15 -10.21
C GLU A 149 20.02 0.93 -9.40
N GLU A 150 20.46 2.02 -8.78
CA GLU A 150 19.61 2.84 -7.94
C GLU A 150 18.31 3.25 -8.63
N TRP A 151 18.34 3.46 -9.95
CA TRP A 151 17.18 3.99 -10.64
C TRP A 151 16.27 2.90 -11.19
N TYR A 152 16.57 1.63 -10.91
CA TYR A 152 15.76 0.53 -11.40
C TYR A 152 14.75 0.14 -10.32
N PHE A 153 13.47 0.34 -10.62
CA PHE A 153 12.39 0.05 -9.69
C PHE A 153 11.64 -1.25 -10.03
N GLY A 154 12.17 -2.06 -10.94
CA GLY A 154 11.58 -3.36 -11.19
C GLY A 154 10.12 -3.29 -11.59
N LYS A 155 9.33 -4.08 -10.90
CA LYS A 155 7.95 -4.26 -11.23
C LYS A 155 6.95 -3.21 -10.77
N ILE A 156 7.43 -2.08 -10.39
CA ILE A 156 6.53 -1.03 -9.99
C ILE A 156 5.53 -0.73 -11.11
N THR A 157 4.31 -0.45 -10.72
CA THR A 157 3.21 -0.17 -11.62
C THR A 157 3.32 1.23 -12.22
N ARG A 158 2.69 1.42 -13.39
CA ARG A 158 2.64 2.75 -13.99
C ARG A 158 2.04 3.77 -13.02
N ARG A 159 0.90 3.44 -12.41
CA ARG A 159 0.28 4.39 -11.50
C ARG A 159 1.17 4.67 -10.29
N GLU A 160 1.85 3.65 -9.77
CA GLU A 160 2.67 3.82 -8.58
C GLU A 160 3.97 4.57 -8.89
N SER A 161 4.56 4.31 -10.06
CA SER A 161 5.72 5.11 -10.45
C SER A 161 5.36 6.59 -10.48
N GLU A 162 4.17 6.91 -10.97
CA GLU A 162 3.71 8.28 -11.00
C GLU A 162 3.55 8.85 -9.59
N ARG A 163 3.06 8.03 -8.64
CA ARG A 163 2.92 8.48 -7.25
C ARG A 163 4.26 8.96 -6.70
N LEU A 164 5.31 8.18 -6.92
CA LEU A 164 6.62 8.55 -6.42
C LEU A 164 7.20 9.74 -7.18
N LEU A 165 7.12 9.71 -8.51
CA LEU A 165 7.70 10.75 -9.35
C LEU A 165 7.01 12.11 -9.17
N LEU A 166 5.70 12.13 -8.91
CA LEU A 166 5.00 13.40 -8.81
C LEU A 166 5.20 14.10 -7.46
N ASN A 167 6.06 13.57 -6.57
CA ASN A 167 6.33 14.26 -5.32
C ASN A 167 6.86 15.66 -5.63
N ALA A 168 6.25 16.68 -5.00
CA ALA A 168 6.59 18.06 -5.35
C ALA A 168 8.04 18.43 -5.05
N GLU A 169 8.74 17.62 -4.25
CA GLU A 169 10.15 17.94 -4.03
C GLU A 169 11.05 17.46 -5.15
N ASN A 170 10.54 16.63 -6.06
CA ASN A 170 11.37 16.09 -7.12
C ASN A 170 11.60 17.18 -8.18
N PRO A 171 12.83 17.38 -8.64
CA PRO A 171 13.04 18.33 -9.72
C PRO A 171 12.56 17.76 -11.04
N ARG A 172 12.32 18.67 -12.00
CA ARG A 172 12.05 18.20 -13.35
C ARG A 172 13.15 17.24 -13.79
N GLY A 173 12.76 16.18 -14.47
CA GLY A 173 13.71 15.19 -14.91
C GLY A 173 13.97 14.09 -13.90
N THR A 174 13.27 14.07 -12.77
CA THR A 174 13.39 12.93 -11.86
C THR A 174 12.87 11.68 -12.56
N PHE A 175 13.55 10.55 -12.38
CA PHE A 175 13.23 9.42 -13.24
C PHE A 175 13.43 8.09 -12.51
N LEU A 176 12.86 7.06 -13.14
CA LEU A 176 13.14 5.68 -12.78
C LEU A 176 12.92 4.82 -14.02
N VAL A 177 13.54 3.64 -13.99
CA VAL A 177 13.32 2.61 -15.02
C VAL A 177 12.55 1.46 -14.37
N ARG A 178 11.58 0.93 -15.11
CA ARG A 178 10.74 -0.16 -14.64
C ARG A 178 10.43 -1.11 -15.79
N GLU A 179 9.90 -2.28 -15.43
CA GLU A 179 9.35 -3.18 -16.43
C GLU A 179 8.08 -2.59 -17.04
N SER A 180 7.89 -2.80 -18.34
CA SER A 180 6.63 -2.41 -18.96
C SER A 180 5.51 -3.34 -18.51
N GLU A 181 4.37 -2.77 -18.10
CA GLU A 181 3.23 -3.62 -17.73
C GLU A 181 2.57 -4.24 -18.95
N THR A 182 2.67 -3.59 -20.11
CA THR A 182 1.89 -3.98 -21.28
C THR A 182 2.70 -4.62 -22.39
N THR A 183 4.03 -4.66 -22.30
CA THR A 183 4.79 -5.23 -23.41
C THR A 183 5.98 -6.12 -23.08
N LYS A 184 5.73 -7.43 -22.98
CA LYS A 184 6.73 -8.47 -22.71
C LYS A 184 7.86 -8.08 -21.76
N GLY A 185 9.10 -8.26 -22.21
CA GLY A 185 10.23 -7.88 -21.39
C GLY A 185 10.80 -6.58 -21.89
N ALA A 186 9.91 -5.68 -22.32
CA ALA A 186 10.31 -4.30 -22.51
C ALA A 186 10.40 -3.59 -21.16
N TYR A 187 11.17 -2.53 -21.13
CA TYR A 187 11.32 -1.69 -19.97
C TYR A 187 10.65 -0.36 -20.26
N CYS A 188 10.64 0.50 -19.26
CA CYS A 188 10.04 1.80 -19.43
C CYS A 188 10.81 2.81 -18.62
N LEU A 189 11.05 3.97 -19.23
CA LEU A 189 11.68 5.12 -18.62
C LEU A 189 10.59 6.13 -18.25
N SER A 190 10.42 6.39 -16.95
CA SER A 190 9.39 7.28 -16.46
C SER A 190 10.07 8.54 -15.89
N VAL A 191 9.66 9.71 -16.38
CA VAL A 191 10.37 10.95 -16.10
C VAL A 191 9.38 12.03 -15.67
N SER A 192 9.73 12.75 -14.60
CA SER A 192 8.89 13.86 -14.18
C SER A 192 9.09 15.06 -15.11
N ASP A 193 8.03 15.82 -15.33
CA ASP A 193 8.09 16.91 -16.28
C ASP A 193 7.16 18.04 -15.84
N PHE A 194 7.24 19.15 -16.55
CA PHE A 194 6.35 20.28 -16.29
C PHE A 194 5.93 20.88 -17.61
N ASP A 195 4.66 21.24 -17.67
CA ASP A 195 3.92 21.55 -18.88
C ASP A 195 3.02 22.75 -18.57
N ASN A 196 2.86 23.67 -19.51
CA ASN A 196 1.92 24.75 -19.25
C ASN A 196 0.48 24.31 -19.36
N ALA A 197 0.22 23.13 -19.92
CA ALA A 197 -1.14 22.64 -20.05
C ALA A 197 -1.50 21.73 -18.88
N LYS A 198 -0.65 20.76 -18.57
CA LYS A 198 -0.92 19.77 -17.54
C LYS A 198 -0.23 20.07 -16.22
N GLY A 199 0.74 20.98 -16.22
CA GLY A 199 1.47 21.20 -14.99
C GLY A 199 2.49 20.09 -14.79
N LEU A 200 2.73 19.77 -13.52
CA LEU A 200 3.59 18.65 -13.16
C LEU A 200 2.99 17.36 -13.72
N ASN A 201 3.78 16.61 -14.48
CA ASN A 201 3.25 15.37 -15.05
C ASN A 201 4.41 14.44 -15.36
N VAL A 202 4.07 13.19 -15.64
CA VAL A 202 5.06 12.14 -15.89
C VAL A 202 4.93 11.67 -17.32
N LYS A 203 6.06 11.57 -18.02
CA LYS A 203 6.10 10.99 -19.35
C LYS A 203 6.78 9.62 -19.28
N HIS A 204 6.22 8.67 -20.02
CA HIS A 204 6.69 7.29 -20.04
C HIS A 204 7.22 6.95 -21.42
N TYR A 205 8.44 6.42 -21.47
CA TYR A 205 9.08 6.02 -22.73
C TYR A 205 9.35 4.52 -22.71
N LYS A 206 8.82 3.81 -23.68
CA LYS A 206 9.09 2.38 -23.79
C LYS A 206 10.52 2.17 -24.24
N ILE A 207 11.19 1.30 -23.56
CA ILE A 207 12.55 1.01 -23.87
C ILE A 207 12.54 -0.33 -24.46
N ARG A 208 12.93 -0.45 -25.68
CA ARG A 208 12.88 -1.75 -26.29
C ARG A 208 14.21 -2.38 -26.39
N LYS A 209 14.23 -3.69 -26.35
CA LYS A 209 15.48 -4.37 -26.47
C LYS A 209 15.79 -4.81 -27.90
N LEU A 210 17.01 -4.62 -28.31
CA LEU A 210 17.48 -4.96 -29.66
C LEU A 210 17.90 -6.43 -29.72
N ASP A 211 17.99 -6.94 -30.95
CA ASP A 211 18.49 -8.30 -31.11
C ASP A 211 19.86 -8.47 -30.45
N SER A 212 20.67 -7.41 -30.44
CA SER A 212 22.01 -7.42 -29.84
C SER A 212 22.01 -7.56 -28.32
N GLY A 213 20.84 -7.54 -27.67
CA GLY A 213 20.78 -7.37 -26.23
C GLY A 213 20.83 -5.92 -25.76
N GLY A 214 21.02 -4.98 -26.67
CA GLY A 214 21.01 -3.57 -26.34
C GLY A 214 19.59 -3.04 -26.21
N PHE A 215 19.50 -1.72 -26.09
CA PHE A 215 18.24 -1.05 -25.78
C PHE A 215 18.17 0.27 -26.53
N TYR A 216 16.95 0.74 -26.76
CA TYR A 216 16.75 2.02 -27.40
C TYR A 216 15.37 2.56 -27.07
N ILE A 217 15.25 3.88 -27.02
CA ILE A 217 13.93 4.50 -26.99
C ILE A 217 13.48 4.91 -28.38
N THR A 218 14.38 5.54 -29.13
CA THR A 218 14.17 5.85 -30.55
C THR A 218 15.21 5.10 -31.35
N SER A 219 14.80 4.52 -32.49
CA SER A 219 15.70 3.59 -33.18
C SER A 219 16.97 4.29 -33.65
N ARG A 220 16.95 5.61 -33.79
CA ARG A 220 18.13 6.35 -34.23
C ARG A 220 19.24 6.43 -33.17
N THR A 221 18.98 6.06 -31.91
CA THR A 221 19.98 6.20 -30.86
C THR A 221 19.96 4.92 -30.01
N GLN A 222 20.88 3.98 -30.29
CA GLN A 222 20.89 2.68 -29.67
C GLN A 222 22.08 2.51 -28.74
N PHE A 223 21.89 1.70 -27.70
CA PHE A 223 22.89 1.51 -26.66
C PHE A 223 23.12 0.01 -26.44
N ASN A 224 24.30 -0.29 -25.90
CA ASN A 224 24.63 -1.68 -25.58
C ASN A 224 24.02 -2.14 -24.27
N SER A 225 23.56 -1.21 -23.43
CA SER A 225 23.07 -1.57 -22.10
C SER A 225 22.11 -0.50 -21.60
N LEU A 226 21.34 -0.86 -20.57
CA LEU A 226 20.46 0.13 -19.93
C LEU A 226 21.27 1.23 -19.27
N GLN A 227 22.38 0.87 -18.62
CA GLN A 227 23.19 1.87 -17.95
C GLN A 227 23.72 2.90 -18.94
N GLN A 228 24.14 2.44 -20.13
CA GLN A 228 24.60 3.39 -21.13
C GLN A 228 23.47 4.31 -21.57
N LEU A 229 22.26 3.74 -21.71
CA LEU A 229 21.10 4.55 -22.06
C LEU A 229 20.86 5.65 -21.04
N VAL A 230 20.86 5.29 -19.75
CA VAL A 230 20.58 6.28 -18.71
C VAL A 230 21.67 7.33 -18.66
N ALA A 231 22.92 6.91 -18.79
CA ALA A 231 24.03 7.85 -18.83
C ALA A 231 23.86 8.84 -19.96
N TYR A 232 23.46 8.38 -21.14
CA TYR A 232 23.35 9.29 -22.29
C TYR A 232 22.25 10.32 -22.08
N TYR A 233 21.04 9.89 -21.72
CA TYR A 233 19.93 10.82 -21.57
C TYR A 233 20.05 11.65 -20.30
N SER A 234 21.00 11.34 -19.42
CA SER A 234 21.34 12.24 -18.32
C SER A 234 22.16 13.43 -18.79
N LYS A 235 22.80 13.34 -19.96
CA LYS A 235 23.57 14.44 -20.55
C LYS A 235 22.79 15.23 -21.58
N HIS A 236 21.91 14.56 -22.34
CA HIS A 236 21.18 15.19 -23.45
C HIS A 236 19.76 14.67 -23.47
N ALA A 237 18.78 15.57 -23.41
CA ALA A 237 17.40 15.16 -23.65
C ALA A 237 17.27 14.44 -24.98
N ASP A 238 17.83 15.03 -26.04
CA ASP A 238 17.88 14.43 -27.38
C ASP A 238 16.57 13.71 -27.73
N GLY A 239 15.47 14.44 -27.61
CA GLY A 239 14.14 13.95 -27.95
C GLY A 239 13.26 13.69 -26.75
N LEU A 240 13.87 13.33 -25.61
CA LEU A 240 13.09 13.15 -24.40
C LEU A 240 12.52 14.49 -23.95
N CYS A 241 11.45 14.42 -23.16
CA CYS A 241 10.82 15.62 -22.63
C CYS A 241 11.78 16.48 -21.80
N HIS A 242 12.82 15.87 -21.22
CA HIS A 242 13.76 16.59 -20.35
C HIS A 242 14.92 15.66 -20.04
N ARG A 243 16.10 16.25 -19.88
CA ARG A 243 17.28 15.50 -19.45
C ARG A 243 17.03 14.82 -18.10
N LEU A 244 17.53 13.60 -17.95
CA LEU A 244 17.39 12.90 -16.67
C LEU A 244 18.29 13.56 -15.63
N THR A 245 17.70 13.97 -14.51
CA THR A 245 18.44 14.75 -13.51
C THR A 245 18.64 14.03 -12.19
N THR A 246 17.60 13.39 -11.65
CA THR A 246 17.59 12.90 -10.29
C THR A 246 17.00 11.50 -10.28
N VAL A 247 17.67 10.56 -9.64
CA VAL A 247 17.06 9.26 -9.42
C VAL A 247 15.88 9.43 -8.47
N CYS A 248 14.72 8.89 -8.85
CA CYS A 248 13.54 8.95 -8.02
C CYS A 248 13.89 8.49 -6.61
N PRO A 249 13.63 9.29 -5.59
CA PRO A 249 13.91 8.86 -4.22
C PRO A 249 12.82 7.94 -3.68
N THR A 250 13.18 7.20 -2.65
CA THR A 250 12.25 6.23 -2.09
C THR A 250 12.70 5.93 -0.67
N SER A 251 11.76 5.48 0.17
CA SER A 251 12.14 5.02 1.50
C SER A 251 12.59 3.56 1.43
N LYS A 252 13.47 3.18 2.36
CA LYS A 252 13.80 1.77 2.51
C LYS A 252 12.50 0.97 2.60
N PRO A 253 12.39 -0.15 1.90
CA PRO A 253 11.19 -0.98 2.05
C PRO A 253 11.12 -1.66 3.41
N GLN A 254 9.90 -2.00 3.79
CA GLN A 254 9.71 -2.87 4.95
C GLN A 254 10.28 -4.25 4.65
N THR A 255 10.82 -4.89 5.69
CA THR A 255 11.13 -6.32 5.56
C THR A 255 9.86 -7.13 5.75
N GLN A 256 9.88 -8.38 5.29
CA GLN A 256 8.78 -9.33 5.52
C GLN A 256 9.05 -10.07 6.82
N GLY A 257 8.36 -9.66 7.89
CA GLY A 257 8.70 -10.06 9.23
C GLY A 257 9.79 -9.19 9.83
N LEU A 258 9.82 -9.17 11.17
CA LEU A 258 10.85 -8.37 11.86
C LEU A 258 12.21 -9.05 11.83
N ALA A 259 12.21 -10.38 11.73
CA ALA A 259 13.40 -11.21 11.65
C ALA A 259 12.96 -12.59 11.18
N LYS A 260 13.92 -13.37 10.71
CA LYS A 260 13.62 -14.77 10.48
C LYS A 260 13.10 -15.39 11.78
N ASP A 261 11.93 -16.02 11.70
CA ASP A 261 11.36 -16.75 12.82
C ASP A 261 10.85 -15.86 13.95
N ALA A 262 10.76 -14.55 13.76
CA ALA A 262 10.11 -13.69 14.73
C ALA A 262 8.62 -13.67 14.46
N TRP A 263 7.81 -14.03 15.44
CA TRP A 263 6.37 -13.93 15.28
C TRP A 263 5.71 -13.67 16.63
N GLU A 264 5.75 -14.66 17.52
CA GLU A 264 5.36 -14.46 18.91
C GLU A 264 6.56 -13.91 19.66
N ILE A 265 6.48 -12.67 20.09
CA ILE A 265 7.64 -11.97 20.64
C ILE A 265 7.32 -11.64 22.09
N PRO A 266 8.34 -11.39 22.89
CA PRO A 266 8.10 -11.01 24.29
C PRO A 266 7.86 -9.51 24.40
N ARG A 267 7.00 -9.16 25.35
CA ARG A 267 6.67 -7.76 25.59
C ARG A 267 7.93 -6.89 25.70
N GLU A 268 9.04 -7.45 26.19
CA GLU A 268 10.24 -6.68 26.46
C GLU A 268 10.93 -6.17 25.20
N SER A 269 10.71 -6.83 24.05
CA SER A 269 11.34 -6.41 22.81
C SER A 269 10.81 -5.09 22.29
N LEU A 270 9.73 -4.58 22.88
CA LEU A 270 8.96 -3.45 22.34
C LEU A 270 9.08 -2.26 23.26
N ARG A 271 9.45 -1.12 22.70
CA ARG A 271 9.45 0.15 23.42
C ARG A 271 8.35 1.03 22.86
N LEU A 272 7.28 1.20 23.64
CA LEU A 272 6.22 2.17 23.32
C LEU A 272 6.75 3.58 23.50
N GLU A 273 6.84 4.33 22.40
CA GLU A 273 7.47 5.64 22.44
C GLU A 273 6.48 6.80 22.43
N VAL A 274 5.45 6.75 21.59
CA VAL A 274 4.51 7.85 21.46
C VAL A 274 3.13 7.26 21.25
N LYS A 275 2.19 7.61 22.14
CA LYS A 275 0.82 7.14 21.97
C LYS A 275 0.11 8.00 20.93
N LEU A 276 -0.43 7.35 19.90
CA LEU A 276 -0.96 8.02 18.72
C LEU A 276 -2.47 8.14 18.72
N GLY A 277 -3.18 7.27 19.42
CA GLY A 277 -4.63 7.30 19.38
C GLY A 277 -5.22 6.37 20.41
N GLN A 278 -6.53 6.47 20.54
CA GLN A 278 -7.34 5.74 21.50
C GLN A 278 -8.56 5.20 20.80
N GLY A 279 -8.92 3.95 21.10
CA GLY A 279 -10.14 3.37 20.59
C GLY A 279 -10.99 2.81 21.73
N CYS A 280 -12.14 2.26 21.34
CA CYS A 280 -13.03 1.64 22.34
C CYS A 280 -12.30 0.58 23.14
N PHE A 281 -11.46 -0.22 22.48
CA PHE A 281 -10.91 -1.43 23.08
C PHE A 281 -9.40 -1.39 23.28
N GLY A 282 -8.77 -0.22 23.23
CA GLY A 282 -7.35 -0.14 23.48
C GLY A 282 -6.75 1.09 22.83
N GLU A 283 -5.44 1.04 22.60
CA GLU A 283 -4.72 2.21 22.11
C GLU A 283 -3.70 1.83 21.06
N VAL A 284 -3.22 2.87 20.37
CA VAL A 284 -2.30 2.72 19.25
C VAL A 284 -1.04 3.52 19.58
N TRP A 285 0.11 2.90 19.39
CA TRP A 285 1.39 3.48 19.73
C TRP A 285 2.31 3.46 18.54
N MET A 286 3.20 4.44 18.49
CA MET A 286 4.42 4.27 17.73
C MET A 286 5.49 3.73 18.67
N GLY A 287 6.32 2.84 18.15
CA GLY A 287 7.29 2.19 19.00
C GLY A 287 8.48 1.70 18.22
N THR A 288 9.36 1.00 18.93
CA THR A 288 10.56 0.40 18.38
C THR A 288 10.62 -1.05 18.83
N TRP A 289 11.01 -1.93 17.92
CA TRP A 289 11.24 -3.34 18.24
C TRP A 289 12.73 -3.60 18.27
N ASN A 290 13.19 -4.30 19.30
CA ASN A 290 14.58 -4.75 19.40
C ASN A 290 15.56 -3.58 19.21
N GLY A 291 15.14 -2.37 19.58
CA GLY A 291 15.98 -1.21 19.50
C GLY A 291 16.32 -0.71 18.11
N THR A 292 15.79 -1.32 17.06
CA THR A 292 16.23 -1.00 15.71
C THR A 292 15.12 -0.57 14.76
N THR A 293 13.90 -1.04 14.97
CA THR A 293 12.88 -1.04 13.93
C THR A 293 11.66 -0.29 14.43
N ARG A 294 11.26 0.73 13.69
CA ARG A 294 10.06 1.48 14.01
C ARG A 294 8.83 0.67 13.59
N VAL A 295 7.91 0.50 14.52
CA VAL A 295 6.70 -0.28 14.33
C VAL A 295 5.54 0.51 14.93
N ALA A 296 4.33 0.10 14.57
CA ALA A 296 3.12 0.49 15.29
C ALA A 296 2.75 -0.63 16.26
N ILE A 297 2.23 -0.24 17.41
CA ILE A 297 1.80 -1.21 18.40
C ILE A 297 0.37 -0.88 18.81
N LYS A 298 -0.53 -1.84 18.66
CA LYS A 298 -1.88 -1.72 19.17
C LYS A 298 -1.96 -2.51 20.47
N THR A 299 -2.46 -1.87 21.53
CA THR A 299 -2.63 -2.53 22.82
C THR A 299 -4.11 -2.72 23.10
N LEU A 300 -4.50 -3.96 23.39
CA LEU A 300 -5.91 -4.27 23.61
C LEU A 300 -6.24 -4.30 25.08
N LYS A 301 -7.46 -3.85 25.40
CA LYS A 301 -7.96 -3.92 26.77
C LYS A 301 -8.21 -5.37 27.15
N PRO A 302 -7.76 -5.83 28.33
CA PRO A 302 -7.96 -7.23 28.70
C PRO A 302 -9.42 -7.63 28.59
N GLY A 303 -9.66 -8.84 28.09
CA GLY A 303 -11.03 -9.26 27.81
C GLY A 303 -11.61 -8.79 26.49
N THR A 304 -10.89 -8.01 25.69
CA THR A 304 -11.41 -7.65 24.38
C THR A 304 -11.58 -8.90 23.52
N MET A 305 -10.56 -9.75 23.48
CA MET A 305 -10.54 -10.98 22.70
C MET A 305 -9.96 -12.09 23.55
N SER A 306 -10.30 -13.33 23.18
CA SER A 306 -9.57 -14.47 23.72
C SER A 306 -8.15 -14.48 23.16
N PRO A 307 -7.12 -14.54 24.02
CA PRO A 307 -5.75 -14.66 23.47
C PRO A 307 -5.57 -15.86 22.58
N GLU A 308 -6.21 -16.99 22.91
CA GLU A 308 -6.08 -18.19 22.09
C GLU A 308 -6.72 -17.99 20.73
N ALA A 309 -7.90 -17.37 20.69
CA ALA A 309 -8.60 -17.16 19.43
C ALA A 309 -7.83 -16.19 18.55
N PHE A 310 -7.38 -15.07 19.14
CA PHE A 310 -6.55 -14.13 18.39
C PHE A 310 -5.33 -14.83 17.79
N LEU A 311 -4.63 -15.64 18.58
CA LEU A 311 -3.45 -16.31 18.05
C LEU A 311 -3.82 -17.15 16.84
N GLN A 312 -4.94 -17.87 16.92
CA GLN A 312 -5.35 -18.73 15.81
C GLN A 312 -5.69 -17.91 14.58
N GLU A 313 -6.40 -16.80 14.75
CA GLU A 313 -6.67 -15.93 13.61
C GLU A 313 -5.39 -15.27 13.10
N ALA A 314 -4.49 -14.91 14.00
CA ALA A 314 -3.28 -14.20 13.60
C ALA A 314 -2.42 -15.05 12.67
N GLN A 315 -2.44 -16.37 12.86
CA GLN A 315 -1.80 -17.27 11.90
C GLN A 315 -2.38 -17.08 10.50
N VAL A 316 -3.67 -16.78 10.42
CA VAL A 316 -4.29 -16.59 9.11
C VAL A 316 -3.95 -15.22 8.55
N MET A 317 -4.07 -14.17 9.39
CA MET A 317 -3.73 -12.81 8.98
C MET A 317 -2.27 -12.67 8.59
N LYS A 318 -1.39 -13.44 9.26
CA LYS A 318 0.04 -13.38 8.97
C LYS A 318 0.31 -13.70 7.50
N LYS A 319 -0.52 -14.54 6.88
CA LYS A 319 -0.31 -14.96 5.51
C LYS A 319 -0.77 -13.93 4.48
N LEU A 320 -1.46 -12.88 4.90
CA LEU A 320 -1.93 -11.85 3.97
C LEU A 320 -0.82 -10.83 3.76
N ARG A 321 -0.28 -10.79 2.54
CA ARG A 321 0.91 -10.02 2.22
C ARG A 321 0.65 -9.26 0.93
N HIS A 322 0.52 -7.93 1.03
CA HIS A 322 0.21 -7.13 -0.15
C HIS A 322 0.66 -5.70 0.12
N GLU A 323 1.13 -5.01 -0.92
CA GLU A 323 1.61 -3.65 -0.75
C GLU A 323 0.54 -2.66 -0.25
N LYS A 324 -0.75 -2.99 -0.37
CA LYS A 324 -1.80 -2.09 0.09
C LYS A 324 -2.51 -2.62 1.34
N LEU A 325 -1.90 -3.58 2.02
CA LEU A 325 -2.35 -4.06 3.33
C LEU A 325 -1.25 -3.75 4.35
N VAL A 326 -1.62 -3.10 5.45
CA VAL A 326 -0.67 -2.89 6.54
C VAL A 326 -0.16 -4.26 6.99
N GLN A 327 1.16 -4.40 7.06
CA GLN A 327 1.75 -5.70 7.40
C GLN A 327 1.56 -5.99 8.89
N LEU A 328 1.10 -7.20 9.20
CA LEU A 328 1.10 -7.69 10.59
C LEU A 328 2.45 -8.34 10.87
N TYR A 329 3.22 -7.74 11.78
CA TYR A 329 4.60 -8.18 12.06
C TYR A 329 4.67 -9.26 13.14
N ALA A 330 3.98 -9.06 14.25
CA ALA A 330 4.25 -9.86 15.44
C ALA A 330 3.14 -9.60 16.45
N VAL A 331 3.09 -10.45 17.46
CA VAL A 331 2.02 -10.42 18.46
C VAL A 331 2.65 -10.77 19.81
N VAL A 332 2.17 -10.10 20.86
CA VAL A 332 2.45 -10.48 22.23
C VAL A 332 1.15 -11.10 22.75
N SER A 333 1.15 -12.41 22.97
CA SER A 333 -0.10 -13.14 23.07
C SER A 333 -0.72 -13.15 24.46
N GLU A 334 0.00 -12.78 25.50
CA GLU A 334 -0.60 -12.87 26.82
C GLU A 334 -1.19 -11.52 27.22
N GLU A 335 -2.27 -11.57 28.00
CA GLU A 335 -2.94 -10.37 28.48
C GLU A 335 -1.96 -9.40 29.14
N PRO A 336 -1.94 -8.15 28.69
CA PRO A 336 -2.78 -7.69 27.58
C PRO A 336 -2.14 -7.95 26.23
N ILE A 337 -2.97 -8.16 25.20
CA ILE A 337 -2.45 -8.46 23.87
C ILE A 337 -1.89 -7.19 23.23
N TYR A 338 -0.69 -7.29 22.67
CA TYR A 338 -0.13 -6.28 21.79
C TYR A 338 -0.08 -6.83 20.37
N ILE A 339 -0.43 -5.99 19.39
CA ILE A 339 -0.37 -6.35 17.98
C ILE A 339 0.62 -5.42 17.30
N VAL A 340 1.67 -5.99 16.69
CA VAL A 340 2.77 -5.20 16.12
C VAL A 340 2.61 -5.17 14.60
N THR A 341 2.70 -3.96 14.05
CA THR A 341 2.25 -3.67 12.70
C THR A 341 3.23 -2.71 12.03
N GLU A 342 3.24 -2.72 10.70
CA GLU A 342 3.95 -1.73 9.88
C GLU A 342 3.50 -0.31 10.25
N TYR A 343 4.46 0.56 10.52
CA TYR A 343 4.13 1.92 10.92
C TYR A 343 3.76 2.76 9.69
N MET A 344 2.67 3.50 9.77
CA MET A 344 2.24 4.37 8.68
C MET A 344 2.34 5.82 9.13
N SER A 345 3.18 6.60 8.45
CA SER A 345 3.60 7.88 8.99
C SER A 345 2.51 8.94 9.01
N LYS A 346 1.44 8.80 8.22
CA LYS A 346 0.50 9.91 8.16
C LYS A 346 -0.82 9.61 8.87
N GLY A 347 -0.90 8.51 9.62
CA GLY A 347 -2.06 8.28 10.44
C GLY A 347 -3.27 7.83 9.64
N SER A 348 -4.44 7.90 10.27
CA SER A 348 -5.63 7.34 9.63
C SER A 348 -6.11 8.22 8.49
N LEU A 349 -6.69 7.57 7.47
CA LEU A 349 -7.27 8.32 6.35
C LEU A 349 -8.35 9.28 6.82
N LEU A 350 -9.19 8.84 7.74
CA LEU A 350 -10.26 9.72 8.22
C LEU A 350 -9.69 11.01 8.81
N ASP A 351 -8.71 10.90 9.72
CA ASP A 351 -8.06 12.11 10.22
C ASP A 351 -7.41 12.90 9.11
N PHE A 352 -6.72 12.21 8.20
CA PHE A 352 -6.03 12.86 7.09
C PHE A 352 -6.98 13.67 6.23
N LEU A 353 -8.15 13.12 5.92
CA LEU A 353 -9.12 13.84 5.11
C LEU A 353 -9.58 15.12 5.82
N LYS A 354 -9.73 15.06 7.13
CA LYS A 354 -10.09 16.22 7.90
C LYS A 354 -8.83 17.01 8.22
N GLY A 355 -8.95 18.32 8.23
CA GLY A 355 -7.80 19.09 8.62
C GLY A 355 -6.77 19.32 7.52
N GLU A 356 -5.66 19.92 7.95
CA GLU A 356 -4.83 20.78 7.13
C GLU A 356 -4.06 20.09 6.01
N THR A 357 -4.70 19.21 5.28
CA THR A 357 -4.02 18.59 4.15
C THR A 357 -5.07 17.96 3.24
N GLY A 358 -6.10 17.36 3.85
CA GLY A 358 -7.23 16.87 3.09
C GLY A 358 -8.09 17.97 2.49
N LYS A 359 -8.05 19.17 3.07
CA LYS A 359 -8.80 20.28 2.51
C LYS A 359 -8.41 20.54 1.06
N TYR A 360 -7.17 20.23 0.70
CA TYR A 360 -6.64 20.58 -0.60
C TYR A 360 -6.75 19.48 -1.63
N LEU A 361 -7.03 18.24 -1.21
CA LEU A 361 -7.00 17.12 -2.13
C LEU A 361 -7.94 17.35 -3.31
N ARG A 362 -7.46 17.03 -4.51
CA ARG A 362 -8.27 17.10 -5.72
C ARG A 362 -8.84 15.71 -6.02
N LEU A 363 -9.90 15.69 -6.83
CA LEU A 363 -10.58 14.43 -7.13
C LEU A 363 -9.64 13.36 -7.66
N PRO A 364 -8.70 13.64 -8.57
CA PRO A 364 -7.80 12.57 -9.07
C PRO A 364 -6.97 11.93 -7.97
N GLN A 365 -6.58 12.71 -6.97
CA GLN A 365 -5.86 12.18 -5.83
C GLN A 365 -6.77 11.32 -4.97
N LEU A 366 -8.01 11.78 -4.74
CA LEU A 366 -8.97 11.00 -3.97
C LEU A 366 -9.32 9.70 -4.67
N VAL A 367 -9.50 9.74 -6.00
CA VAL A 367 -9.78 8.52 -6.74
C VAL A 367 -8.57 7.58 -6.73
N ASP A 368 -7.36 8.13 -6.77
CA ASP A 368 -6.19 7.26 -6.68
C ASP A 368 -6.12 6.58 -5.31
N MET A 369 -6.49 7.31 -4.25
CA MET A 369 -6.51 6.70 -2.93
C MET A 369 -7.58 5.62 -2.83
N ALA A 370 -8.76 5.88 -3.41
CA ALA A 370 -9.78 4.83 -3.48
C ALA A 370 -9.27 3.62 -4.26
N ALA A 371 -8.49 3.86 -5.33
CA ALA A 371 -7.98 2.76 -6.17
C ALA A 371 -6.97 1.91 -5.40
N GLN A 372 -6.11 2.56 -4.61
CA GLN A 372 -5.22 1.81 -3.74
C GLN A 372 -5.99 0.94 -2.75
N ILE A 373 -7.00 1.52 -2.11
CA ILE A 373 -7.78 0.76 -1.13
C ILE A 373 -8.45 -0.42 -1.81
N ALA A 374 -9.04 -0.18 -2.97
CA ALA A 374 -9.69 -1.25 -3.74
C ALA A 374 -8.71 -2.37 -4.09
N SER A 375 -7.47 -2.02 -4.45
CA SER A 375 -6.45 -3.01 -4.77
C SER A 375 -6.12 -3.90 -3.57
N GLY A 376 -5.93 -3.30 -2.40
CA GLY A 376 -5.75 -4.09 -1.20
C GLY A 376 -6.94 -4.99 -0.91
N MET A 377 -8.15 -4.47 -1.08
CA MET A 377 -9.34 -5.28 -0.83
C MET A 377 -9.54 -6.34 -1.91
N ALA A 378 -9.05 -6.07 -3.12
CA ALA A 378 -9.08 -7.09 -4.17
C ALA A 378 -8.15 -8.27 -3.82
N TYR A 379 -7.01 -7.99 -3.19
CA TYR A 379 -6.18 -9.08 -2.66
C TYR A 379 -6.94 -9.88 -1.58
N VAL A 380 -7.50 -9.18 -0.60
CA VAL A 380 -8.33 -9.82 0.43
C VAL A 380 -9.38 -10.71 -0.23
N GLU A 381 -10.06 -10.16 -1.25
CA GLU A 381 -11.07 -10.92 -2.00
C GLU A 381 -10.47 -12.17 -2.66
N ARG A 382 -9.32 -12.02 -3.33
CA ARG A 382 -8.61 -13.15 -3.93
C ARG A 382 -8.23 -14.19 -2.89
N MET A 383 -7.82 -13.76 -1.71
CA MET A 383 -7.42 -14.68 -0.65
C MET A 383 -8.61 -15.28 0.11
N ASN A 384 -9.85 -15.01 -0.32
CA ASN A 384 -11.05 -15.52 0.34
C ASN A 384 -11.08 -15.13 1.82
N TYR A 385 -10.71 -13.90 2.11
CA TYR A 385 -10.77 -13.35 3.45
C TYR A 385 -11.85 -12.26 3.51
N VAL A 386 -12.04 -11.69 4.70
CA VAL A 386 -13.08 -10.70 4.92
C VAL A 386 -12.54 -9.67 5.90
N HIS A 387 -12.67 -8.39 5.57
CA HIS A 387 -12.21 -7.34 6.48
C HIS A 387 -13.13 -7.20 7.68
N ARG A 388 -14.41 -6.90 7.42
CA ARG A 388 -15.48 -6.76 8.40
C ARG A 388 -15.64 -5.35 8.96
N ASP A 389 -14.65 -4.46 8.78
CA ASP A 389 -14.82 -3.09 9.27
C ASP A 389 -14.04 -2.13 8.38
N LEU A 390 -14.44 -2.08 7.11
CA LEU A 390 -13.79 -1.26 6.08
C LEU A 390 -14.39 0.14 6.12
N ARG A 391 -13.60 1.11 6.53
CA ARG A 391 -14.03 2.51 6.60
C ARG A 391 -12.76 3.33 6.75
N ALA A 392 -12.90 4.65 6.56
CA ALA A 392 -11.73 5.51 6.49
C ALA A 392 -10.91 5.47 7.78
N ALA A 393 -11.54 5.26 8.94
CA ALA A 393 -10.76 5.20 10.17
C ALA A 393 -9.83 3.99 10.18
N ASN A 394 -10.10 2.98 9.36
CA ASN A 394 -9.27 1.79 9.30
C ASN A 394 -8.42 1.74 8.04
N ILE A 395 -8.27 2.87 7.35
CA ILE A 395 -7.28 3.01 6.29
C ILE A 395 -6.16 3.90 6.84
N LEU A 396 -4.91 3.54 6.59
CA LEU A 396 -3.79 4.31 7.09
C LEU A 396 -3.02 4.91 5.93
N VAL A 397 -2.45 6.09 6.17
CA VAL A 397 -1.85 6.88 5.11
C VAL A 397 -0.35 6.98 5.35
N GLY A 398 0.43 6.92 4.26
CA GLY A 398 1.88 7.02 4.30
C GLY A 398 2.36 8.21 3.48
N GLU A 399 3.64 8.23 3.11
CA GLU A 399 4.15 9.29 2.24
C GLU A 399 3.52 9.21 0.84
N ASN A 400 3.37 10.36 0.20
CA ASN A 400 2.94 10.42 -1.20
C ASN A 400 1.54 9.86 -1.41
N LEU A 401 0.67 10.01 -0.40
CA LEU A 401 -0.72 9.58 -0.50
C LEU A 401 -0.84 8.05 -0.67
N VAL A 402 0.18 7.29 -0.27
CA VAL A 402 0.02 5.85 -0.11
C VAL A 402 -1.08 5.59 0.90
N CYS A 403 -1.98 4.65 0.57
CA CYS A 403 -3.07 4.23 1.45
C CYS A 403 -3.03 2.72 1.60
N LYS A 404 -3.22 2.23 2.83
CA LYS A 404 -3.13 0.81 3.10
C LYS A 404 -4.28 0.38 4.00
N VAL A 405 -4.79 -0.83 3.78
CA VAL A 405 -5.90 -1.32 4.58
C VAL A 405 -5.35 -1.86 5.89
N ALA A 406 -5.93 -1.43 7.02
CA ALA A 406 -5.49 -1.90 8.32
C ALA A 406 -6.59 -2.70 9.03
N ASP A 407 -6.14 -3.54 9.96
CA ASP A 407 -6.99 -4.22 10.94
C ASP A 407 -8.01 -5.17 10.28
N PHE A 408 -7.65 -5.72 9.12
CA PHE A 408 -8.52 -6.68 8.46
C PHE A 408 -8.74 -7.92 9.34
N GLY A 409 -10.01 -8.34 9.46
CA GLY A 409 -10.38 -9.55 10.17
C GLY A 409 -10.39 -9.43 11.68
N LEU A 410 -9.80 -8.38 12.25
CA LEU A 410 -9.74 -8.25 13.70
C LEU A 410 -11.13 -8.13 14.36
N ALA A 411 -12.07 -7.45 13.69
CA ALA A 411 -13.39 -7.21 14.28
C ALA A 411 -14.10 -8.50 14.68
N ARG A 412 -13.83 -9.59 13.98
CA ARG A 412 -14.54 -10.83 14.25
C ARG A 412 -14.24 -11.36 15.64
N LEU A 413 -13.05 -11.07 16.16
CA LEU A 413 -12.62 -11.60 17.45
C LEU A 413 -13.14 -10.79 18.63
N ILE A 414 -13.77 -9.64 18.40
CA ILE A 414 -14.18 -8.76 19.49
C ILE A 414 -15.19 -9.48 20.37
N GLU A 415 -14.84 -9.68 21.64
CA GLU A 415 -15.74 -10.30 22.62
C GLU A 415 -16.42 -9.17 23.39
N ASP A 416 -17.55 -8.75 22.87
CA ASP A 416 -18.38 -7.73 23.51
C ASP A 416 -19.80 -8.07 23.07
N ASN A 417 -20.63 -8.50 24.03
CA ASN A 417 -21.97 -9.00 23.70
C ASN A 417 -22.69 -8.06 22.75
N GLU A 418 -22.68 -6.76 23.07
CA GLU A 418 -23.38 -5.77 22.27
C GLU A 418 -22.79 -5.69 20.86
N TYR A 419 -21.48 -5.43 20.78
CA TYR A 419 -20.82 -5.29 19.47
C TYR A 419 -21.08 -6.51 18.59
N THR A 420 -20.85 -7.72 19.15
CA THR A 420 -21.07 -8.95 18.40
C THR A 420 -22.51 -9.06 17.90
N ALA A 421 -23.46 -8.45 18.61
CA ALA A 421 -24.83 -8.35 18.17
C ALA A 421 -25.03 -7.36 17.02
N ARG A 422 -23.96 -6.71 16.55
CA ARG A 422 -24.08 -5.61 15.59
C ARG A 422 -24.89 -4.46 16.20
N GLN A 423 -24.60 -4.16 17.46
CA GLN A 423 -25.42 -3.26 18.25
C GLN A 423 -24.55 -2.48 19.22
N GLY A 424 -24.99 -1.28 19.58
CA GLY A 424 -24.32 -0.46 20.57
C GLY A 424 -23.62 0.73 19.95
N ALA A 425 -23.18 1.64 20.82
CA ALA A 425 -22.49 2.85 20.39
C ALA A 425 -21.15 2.58 19.74
N LYS A 426 -20.61 1.37 19.83
CA LYS A 426 -19.33 1.05 19.22
C LYS A 426 -19.46 0.30 17.91
N PHE A 427 -20.68 0.04 17.45
CA PHE A 427 -20.76 -0.68 16.19
C PHE A 427 -20.99 0.26 15.03
N PRO A 428 -20.15 0.18 13.98
CA PRO A 428 -20.22 1.12 12.82
C PRO A 428 -21.39 0.81 11.90
N ILE A 429 -22.60 0.99 12.44
CA ILE A 429 -23.79 0.57 11.70
C ILE A 429 -23.90 1.32 10.38
N LYS A 430 -23.44 2.57 10.33
CA LYS A 430 -23.53 3.34 9.10
C LYS A 430 -22.65 2.80 7.96
N TRP A 431 -21.72 1.89 8.23
CA TRP A 431 -20.95 1.29 7.15
C TRP A 431 -21.36 -0.15 6.85
N THR A 432 -22.33 -0.70 7.58
CA THR A 432 -22.60 -2.13 7.60
C THR A 432 -23.73 -2.48 6.64
N ALA A 433 -23.50 -3.46 5.77
CA ALA A 433 -24.54 -3.91 4.87
C ALA A 433 -25.70 -4.51 5.67
N PRO A 434 -26.94 -4.39 5.17
CA PRO A 434 -28.09 -4.86 5.97
C PRO A 434 -28.03 -6.33 6.34
N GLU A 435 -27.63 -7.20 5.41
CA GLU A 435 -27.56 -8.61 5.77
C GLU A 435 -26.49 -8.87 6.83
N ALA A 436 -25.43 -8.05 6.86
CA ALA A 436 -24.46 -8.19 7.95
C ALA A 436 -25.02 -7.68 9.27
N ALA A 437 -25.70 -6.54 9.23
CA ALA A 437 -26.35 -6.01 10.43
C ALA A 437 -27.45 -6.96 10.90
N LEU A 438 -28.33 -7.37 9.99
CA LEU A 438 -29.52 -8.14 10.38
C LEU A 438 -29.17 -9.58 10.74
N TYR A 439 -28.32 -10.24 9.96
CA TYR A 439 -28.09 -11.68 10.14
C TYR A 439 -26.63 -12.03 10.43
N GLY A 440 -25.75 -11.05 10.61
CA GLY A 440 -24.37 -11.40 10.87
C GLY A 440 -23.64 -12.02 9.70
N ARG A 441 -24.20 -11.94 8.50
CA ARG A 441 -23.55 -12.44 7.30
C ARG A 441 -22.52 -11.41 6.87
N PHE A 442 -21.31 -11.52 7.43
CA PHE A 442 -20.16 -10.72 6.98
C PHE A 442 -19.43 -11.46 5.87
N THR A 443 -19.30 -10.83 4.71
CA THR A 443 -18.63 -11.45 3.58
C THR A 443 -17.86 -10.36 2.85
N ILE A 444 -17.21 -10.76 1.76
CA ILE A 444 -16.50 -9.79 0.93
C ILE A 444 -17.48 -8.81 0.29
N LYS A 445 -18.74 -9.25 0.07
CA LYS A 445 -19.77 -8.38 -0.50
C LYS A 445 -20.30 -7.38 0.50
N SER A 446 -20.30 -7.71 1.79
CA SER A 446 -20.61 -6.66 2.76
C SER A 446 -19.43 -5.70 2.92
N ASP A 447 -18.19 -6.17 2.72
CA ASP A 447 -17.06 -5.24 2.62
C ASP A 447 -17.24 -4.29 1.44
N VAL A 448 -17.75 -4.81 0.32
CA VAL A 448 -18.01 -3.99 -0.86
C VAL A 448 -19.00 -2.88 -0.52
N TRP A 449 -20.03 -3.20 0.25
CA TRP A 449 -20.96 -2.17 0.71
C TRP A 449 -20.21 -1.12 1.55
N SER A 450 -19.38 -1.57 2.49
CA SER A 450 -18.62 -0.64 3.33
C SER A 450 -17.71 0.25 2.50
N PHE A 451 -17.11 -0.32 1.45
CA PHE A 451 -16.30 0.48 0.54
C PHE A 451 -17.13 1.61 -0.09
N GLY A 452 -18.36 1.30 -0.50
CA GLY A 452 -19.23 2.34 -1.04
C GLY A 452 -19.43 3.49 -0.06
N ILE A 453 -19.65 3.15 1.21
CA ILE A 453 -19.73 4.17 2.25
C ILE A 453 -18.40 4.89 2.40
N LEU A 454 -17.30 4.14 2.33
CA LEU A 454 -15.98 4.77 2.42
C LEU A 454 -15.77 5.80 1.31
N LEU A 455 -16.24 5.49 0.09
CA LEU A 455 -16.13 6.45 -1.01
C LEU A 455 -16.83 7.74 -0.67
N THR A 456 -17.88 7.63 0.14
CA THR A 456 -18.61 8.78 0.63
C THR A 456 -17.75 9.64 1.56
N GLU A 457 -17.01 9.01 2.48
CA GLU A 457 -16.04 9.76 3.29
C GLU A 457 -14.96 10.38 2.43
N LEU A 458 -14.51 9.69 1.39
CA LEU A 458 -13.42 10.19 0.57
C LEU A 458 -13.83 11.46 -0.19
N THR A 459 -15.07 11.52 -0.65
CA THR A 459 -15.54 12.66 -1.43
C THR A 459 -16.16 13.76 -0.57
N THR A 460 -16.15 13.66 0.76
CA THR A 460 -16.68 14.73 1.59
C THR A 460 -15.65 15.25 2.59
N LYS A 461 -14.36 15.03 2.35
CA LYS A 461 -13.34 15.38 3.32
C LYS A 461 -13.64 14.76 4.69
N GLY A 462 -14.32 13.61 4.67
CA GLY A 462 -14.45 12.83 5.89
C GLY A 462 -15.70 13.02 6.71
N ARG A 463 -16.77 13.58 6.12
CA ARG A 463 -18.03 13.78 6.85
C ARG A 463 -18.63 12.44 7.25
N VAL A 464 -19.27 12.40 8.42
CA VAL A 464 -19.95 11.16 8.83
C VAL A 464 -21.02 10.82 7.80
N PRO A 465 -21.19 9.54 7.43
CA PRO A 465 -22.28 9.19 6.50
C PRO A 465 -23.64 9.40 7.13
N TYR A 466 -24.65 9.48 6.27
CA TYR A 466 -26.04 9.67 6.67
C TYR A 466 -26.12 10.88 7.60
N PRO A 467 -25.70 12.07 7.13
CA PRO A 467 -25.38 13.17 8.07
C PRO A 467 -26.47 13.49 9.10
N GLY A 468 -27.72 13.60 8.68
CA GLY A 468 -28.75 13.98 9.64
C GLY A 468 -29.53 12.83 10.22
N MET A 469 -28.92 11.65 10.31
CA MET A 469 -29.57 10.46 10.83
C MET A 469 -28.76 9.91 11.99
N VAL A 470 -29.45 9.49 13.05
CA VAL A 470 -28.78 8.89 14.19
C VAL A 470 -28.56 7.41 13.93
N ASN A 471 -27.55 6.84 14.60
CA ASN A 471 -27.24 5.44 14.38
C ASN A 471 -28.47 4.56 14.55
N ARG A 472 -29.39 4.96 15.44
CA ARG A 472 -30.55 4.14 15.78
C ARG A 472 -31.51 3.97 14.61
N GLU A 473 -31.58 4.95 13.72
CA GLU A 473 -32.52 4.92 12.59
C GLU A 473 -31.98 4.23 11.36
N VAL A 474 -30.65 4.09 11.25
CA VAL A 474 -30.03 3.90 9.95
C VAL A 474 -30.47 2.59 9.33
N LEU A 475 -30.45 1.52 10.13
CA LEU A 475 -30.73 0.18 9.60
C LEU A 475 -32.10 0.13 8.91
N ASP A 476 -33.15 0.49 9.65
CA ASP A 476 -34.50 0.45 9.09
C ASP A 476 -34.61 1.28 7.83
N GLN A 477 -34.05 2.50 7.84
CA GLN A 477 -34.03 3.33 6.64
C GLN A 477 -33.31 2.64 5.49
N VAL A 478 -32.17 2.00 5.77
CA VAL A 478 -31.42 1.33 4.72
C VAL A 478 -32.20 0.13 4.20
N GLU A 479 -32.85 -0.62 5.10
CA GLU A 479 -33.63 -1.77 4.65
C GLU A 479 -34.79 -1.31 3.78
N ARG A 480 -35.48 -0.23 4.18
CA ARG A 480 -36.56 0.33 3.36
C ARG A 480 -36.09 0.78 1.99
N GLY A 481 -34.78 0.86 1.75
CA GLY A 481 -34.27 1.22 0.45
C GLY A 481 -33.65 2.60 0.37
N TYR A 482 -33.65 3.36 1.45
CA TYR A 482 -32.97 4.65 1.43
C TYR A 482 -31.49 4.43 1.12
N ARG A 483 -30.94 5.32 0.30
CA ARG A 483 -29.51 5.40 0.01
C ARG A 483 -29.12 6.86 0.10
N MET A 484 -27.91 7.13 0.58
CA MET A 484 -27.40 8.50 0.55
C MET A 484 -27.45 9.06 -0.88
N PRO A 485 -27.80 10.34 -1.04
CA PRO A 485 -27.70 10.96 -2.36
C PRO A 485 -26.25 11.26 -2.69
N CYS A 486 -26.02 11.63 -3.94
CA CYS A 486 -24.68 11.95 -4.39
C CYS A 486 -24.14 13.13 -3.57
N PRO A 487 -23.05 12.98 -2.83
CA PRO A 487 -22.52 14.11 -2.09
C PRO A 487 -22.21 15.25 -3.02
N PRO A 488 -22.31 16.49 -2.53
CA PRO A 488 -21.99 17.63 -3.40
C PRO A 488 -20.54 17.53 -3.81
N GLU A 489 -20.28 17.69 -5.09
CA GLU A 489 -18.92 17.64 -5.61
C GLU A 489 -18.33 16.22 -5.52
N CYS A 490 -19.19 15.21 -5.49
CA CYS A 490 -18.83 13.87 -5.93
C CYS A 490 -19.41 13.64 -7.32
N PRO A 491 -18.61 13.36 -8.33
CA PRO A 491 -19.18 13.17 -9.67
C PRO A 491 -20.26 12.11 -9.67
N GLU A 492 -21.24 12.28 -10.57
CA GLU A 492 -22.37 11.35 -10.59
C GLU A 492 -21.91 9.93 -10.87
N SER A 493 -20.90 9.76 -11.74
CA SER A 493 -20.41 8.43 -12.08
C SER A 493 -19.86 7.70 -10.87
N LEU A 494 -19.26 8.43 -9.92
CA LEU A 494 -18.78 7.79 -8.70
C LEU A 494 -19.93 7.46 -7.76
N HIS A 495 -20.96 8.30 -7.73
CA HIS A 495 -22.11 7.96 -6.90
C HIS A 495 -22.85 6.75 -7.45
N ASP A 496 -22.86 6.61 -8.78
CA ASP A 496 -23.43 5.42 -9.40
C ASP A 496 -22.60 4.19 -9.04
N LEU A 497 -21.29 4.37 -8.92
CA LEU A 497 -20.46 3.29 -8.41
C LEU A 497 -20.85 2.97 -6.97
N MET A 498 -21.00 4.01 -6.13
CA MET A 498 -21.48 3.81 -4.76
C MET A 498 -22.81 3.07 -4.74
N CYS A 499 -23.75 3.46 -5.60
CA CYS A 499 -25.06 2.80 -5.55
C CYS A 499 -24.94 1.32 -5.92
N GLN A 500 -24.02 0.98 -6.82
CA GLN A 500 -23.72 -0.41 -7.12
C GLN A 500 -23.23 -1.16 -5.88
N CYS A 501 -22.26 -0.57 -5.17
CA CYS A 501 -21.82 -1.16 -3.90
C CYS A 501 -22.97 -1.31 -2.92
N TRP A 502 -24.04 -0.53 -3.08
CA TRP A 502 -25.13 -0.55 -2.12
C TRP A 502 -26.36 -1.33 -2.62
N ARG A 503 -26.21 -2.18 -3.64
CA ARG A 503 -27.35 -3.00 -4.03
C ARG A 503 -27.81 -3.83 -2.84
N LYS A 504 -29.12 -4.02 -2.74
CA LYS A 504 -29.65 -4.85 -1.66
C LYS A 504 -29.10 -6.27 -1.75
N GLU A 505 -29.00 -6.80 -2.95
CA GLU A 505 -28.53 -8.17 -3.11
C GLU A 505 -27.00 -8.21 -3.12
N PRO A 506 -26.37 -8.85 -2.13
CA PRO A 506 -24.90 -8.97 -2.15
C PRO A 506 -24.35 -9.46 -3.48
N GLU A 507 -24.96 -10.47 -4.08
CA GLU A 507 -24.40 -11.04 -5.29
C GLU A 507 -24.53 -10.11 -6.48
N GLU A 508 -25.28 -9.01 -6.37
CA GLU A 508 -25.29 -8.02 -7.44
C GLU A 508 -24.35 -6.86 -7.16
N ARG A 509 -23.62 -6.88 -6.05
CA ARG A 509 -22.60 -5.86 -5.87
C ARG A 509 -21.35 -6.22 -6.65
N PRO A 510 -20.60 -5.22 -7.12
CA PRO A 510 -19.39 -5.52 -7.89
C PRO A 510 -18.36 -6.17 -6.98
N THR A 511 -17.36 -6.78 -7.61
CA THR A 511 -16.18 -7.30 -6.96
C THR A 511 -15.19 -6.17 -6.67
N PHE A 512 -14.27 -6.41 -5.74
CA PHE A 512 -13.17 -5.46 -5.61
C PHE A 512 -12.29 -5.49 -6.83
N GLU A 513 -12.19 -6.63 -7.51
CA GLU A 513 -11.48 -6.65 -8.77
C GLU A 513 -12.05 -5.59 -9.71
N TYR A 514 -13.38 -5.54 -9.84
CA TYR A 514 -14.03 -4.54 -10.68
C TYR A 514 -13.77 -3.13 -10.17
N LEU A 515 -13.95 -2.94 -8.85
CA LEU A 515 -13.77 -1.61 -8.28
C LEU A 515 -12.37 -1.07 -8.55
N GLN A 516 -11.36 -1.92 -8.41
CA GLN A 516 -9.98 -1.48 -8.64
C GLN A 516 -9.77 -1.05 -10.09
N ALA A 517 -10.24 -1.86 -11.04
CA ALA A 517 -10.05 -1.50 -12.44
C ALA A 517 -10.84 -0.25 -12.80
N PHE A 518 -12.08 -0.14 -12.30
CA PHE A 518 -12.89 1.04 -12.56
C PHE A 518 -12.18 2.30 -12.08
N LEU A 519 -11.66 2.25 -10.86
CA LEU A 519 -11.05 3.44 -10.26
C LEU A 519 -9.69 3.74 -10.88
N GLU A 520 -8.94 2.70 -11.26
CA GLU A 520 -7.65 2.92 -11.90
C GLU A 520 -7.79 3.55 -13.28
N ASP A 521 -8.87 3.25 -13.98
CA ASP A 521 -9.08 3.76 -15.32
C ASP A 521 -10.08 4.91 -15.35
N TYR A 522 -10.38 5.52 -14.20
CA TYR A 522 -11.50 6.45 -14.12
C TYR A 522 -11.27 7.68 -15.00
N PHE A 523 -10.03 8.19 -15.03
CA PHE A 523 -9.64 9.30 -15.89
C PHE A 523 -8.91 8.75 -17.11
N THR A 524 -9.23 9.29 -18.29
CA THR A 524 -8.62 8.84 -19.54
C THR A 524 -8.19 10.04 -20.38
N SER A 525 -7.46 9.75 -21.45
CA SER A 525 -7.09 10.73 -22.46
C SER A 525 -7.21 10.08 -23.83
N THR A 526 -6.93 10.86 -24.87
CA THR A 526 -6.93 10.32 -26.23
C THR A 526 -5.88 9.22 -26.34
N GLU A 527 -4.80 9.40 -27.09
CA GLU A 527 -3.82 8.30 -27.16
C GLU A 527 -2.41 8.41 -26.49
N PRO A 528 -2.19 9.40 -25.65
CA PRO A 528 -0.87 9.52 -25.06
C PRO A 528 -0.38 8.38 -24.06
N GLN A 529 -0.43 7.05 -24.18
CA GLN A 529 0.14 6.18 -23.06
C GLN A 529 1.67 6.33 -22.92
N PTR A 530 2.36 5.92 -23.94
CA PTR A 530 3.76 6.05 -24.01
C PTR A 530 4.07 7.09 -25.08
O PTR A 530 3.39 7.16 -26.09
CB PTR A 530 4.36 4.73 -24.41
CG PTR A 530 4.26 3.64 -23.36
CD1 PTR A 530 5.24 3.52 -22.40
CD2 PTR A 530 3.22 2.74 -23.34
CE1 PTR A 530 5.21 2.58 -21.43
CE2 PTR A 530 3.16 1.77 -22.35
CZ PTR A 530 4.16 1.68 -21.40
OH PTR A 530 4.13 0.67 -20.49
P PTR A 530 3.32 0.72 -19.22
O1P PTR A 530 3.33 2.08 -18.83
O2P PTR A 530 2.06 0.38 -19.67
O3P PTR A 530 3.87 -0.25 -18.38
N GLN A 531 5.06 7.93 -24.87
CA GLN A 531 5.46 8.90 -25.86
C GLN A 531 5.86 8.17 -27.16
N PRO A 532 5.37 8.63 -28.29
CA PRO A 532 5.73 8.00 -29.57
C PRO A 532 7.23 8.13 -29.83
N GLY A 533 7.99 7.10 -29.46
CA GLY A 533 9.41 7.14 -29.65
C GLY A 533 9.86 6.98 -31.08
N GLU A 534 8.92 7.08 -32.03
CA GLU A 534 9.25 6.93 -33.44
C GLU A 534 10.48 7.75 -33.81
N ASN A 535 10.43 9.05 -33.55
CA ASN A 535 11.54 9.95 -33.85
C ASN A 535 11.52 11.20 -32.98
N LEU A 536 12.39 11.21 -31.97
CA LEU A 536 12.48 12.35 -31.06
C LEU A 536 13.63 13.26 -31.44
C10 JA6 B . -11.46 -2.64 16.69
C13 JA6 B . -10.94 -2.05 13.73
C17 JA6 B . -14.98 1.57 18.87
C22 JA6 B . -14.18 -1.06 17.30
C24 JA6 B . -15.55 -0.62 16.77
C1 JA6 B . -8.47 0.67 20.01
C2 JA6 B . -7.15 1.30 19.38
C3 JA6 B . -6.54 0.15 18.44
C4 JA6 B . -7.11 -1.00 18.93
C5 JA6 B . -8.64 -0.52 19.38
C7 JA6 B . -10.96 -0.27 18.40
C8 JA6 B . -11.81 -0.04 17.15
C9 JA6 B . -11.50 -1.19 16.18
C11 JA6 B . -11.15 -3.80 15.73
C12 JA6 B . -10.91 -3.49 14.24
C14 JA6 B . -11.24 -0.88 14.69
C16 JA6 B . -13.57 1.27 18.31
C23 JA6 B . -14.57 -1.33 15.83
F21 JA6 B . -10.63 -4.52 13.39
N6 JA6 B . -9.50 -0.27 18.23
N15 JA6 B . -13.21 0.03 17.57
O19 JA6 B . -12.70 2.06 18.46
O20 JA6 B . -11.45 -0.48 19.47
#